data_8CJU
#
_entry.id   8CJU
#
_cell.length_a   47.01
_cell.length_b   60.74
_cell.length_c   151.89
_cell.angle_alpha   90
_cell.angle_beta   90
_cell.angle_gamma   90
#
_symmetry.space_group_name_H-M   'P 21 21 21'
#
loop_
_entity.id
_entity.type
_entity.pdbx_description
1 polymer 'ABC transporter substrate binding protein (Agrocinopine)'
2 non-polymer '[(2S,3R,4S,5S,6R)-6-(hydroxymethyl)-2,4,5-tris(oxidanyl)oxan-3-yl]oxy-N-[9-[(2R,3S,5R)-5-[[[(2R,3S)-4-methyl-2,3-bis(oxidanyl)pentanoyl]amino]-oxidanyl-phosphoryl]oxy-3-oxidanyl-oxolan-2-yl]purin-6-yl]phosphonamidic acid'
3 water water
#
_entity_poly.entity_id   1
_entity_poly.type   'polypeptide(L)'
_entity_poly.pdbx_seq_one_letter_code
;SAERRALKIGVNGIPVTLEPINAISNVGPRIVNQIFDTLVVRDFFSNGAPGNGINLMPSLAESWERIDDKSVRFKLRQKV
MFHDGVEMTADDVAYTFSSERLWGPDAIKVIPLGGSYALDFDEPVVEDKYTVVIRTKTPTPLTESYMASWMGRIVPKAYY
KTLGTAAFGNKPVGTGPYKFVEFVANDRVVIEANDAYWGLKPTASKITYQLVAEPATRVAGLISGEYDIVTTLTPDDMAL
INSYPDLETRGNIVENFHMFTFNMNQPVFQSKPLRRALALAVNRPLIVQSLWMNKATIPNGFNFPNYGKTFDPNRRAMEY
NIEEAKRLVKESGYDGTPITYHTMGNYYANAVPALMMMIEMWKQIGVTVVPKVYAPGGAPKDQDSYMRNWSNGQWMTDAW
ATMICEFGPKGQVQKRWGWKAPAEFNDLCTKVSQIPDSKERFDAFNRLRDIFEEEAPAVILYQPFDVYAARKDVHWRPIS
FEMMEFRNNLAFGHHHHHH
;
_entity_poly.pdbx_strand_id   A
#
# COMPACT_ATOMS: atom_id res chain seq x y z
N GLU A 3 -19.67 23.80 13.55
CA GLU A 3 -19.49 24.37 12.21
C GLU A 3 -18.76 23.35 11.26
N ARG A 4 -18.38 23.75 10.03
CA ARG A 4 -17.54 22.97 9.11
C ARG A 4 -16.22 23.70 8.86
N ARG A 5 -15.16 23.18 9.44
CA ARG A 5 -13.83 23.79 9.32
C ARG A 5 -13.08 23.36 8.11
N ALA A 6 -12.11 24.19 7.70
CA ALA A 6 -11.12 23.92 6.71
C ALA A 6 -9.97 23.20 7.41
N LEU A 7 -9.76 21.93 7.09
CA LEU A 7 -8.73 21.15 7.72
C LEU A 7 -7.41 21.32 7.05
N LYS A 8 -6.33 21.39 7.83
CA LYS A 8 -4.97 21.51 7.38
C LYS A 8 -4.18 20.31 7.91
N ILE A 9 -3.74 19.44 7.01
CA ILE A 9 -3.11 18.20 7.37
C ILE A 9 -1.67 18.18 6.92
N GLY A 10 -0.77 18.08 7.88
CA GLY A 10 0.65 17.98 7.58
C GLY A 10 1.00 16.53 7.35
N VAL A 11 1.43 16.19 6.12
CA VAL A 11 1.69 14.83 5.73
C VAL A 11 3.15 14.55 5.45
N ASN A 12 3.52 13.30 5.49
CA ASN A 12 4.89 12.82 5.16
C ASN A 12 5.21 12.91 3.69
N GLY A 13 4.20 12.81 2.82
CA GLY A 13 4.39 12.81 1.38
C GLY A 13 3.10 13.02 0.62
N ILE A 14 3.23 13.34 -0.65
CA ILE A 14 2.14 13.58 -1.56
C ILE A 14 2.27 12.57 -2.69
N PRO A 15 1.17 11.97 -3.12
CA PRO A 15 1.26 11.00 -4.22
C PRO A 15 1.70 11.66 -5.53
N VAL A 16 2.26 10.83 -6.44
CA VAL A 16 2.68 11.36 -7.76
C VAL A 16 1.51 11.69 -8.70
N THR A 17 0.32 11.13 -8.39
CA THR A 17 -0.87 11.29 -9.17
C THR A 17 -2.08 11.04 -8.27
N LEU A 18 -3.25 11.41 -8.75
CA LEU A 18 -4.50 11.12 -8.02
C LEU A 18 -5.36 10.12 -8.78
N GLU A 19 -4.82 9.48 -9.83
CA GLU A 19 -5.46 8.34 -10.45
C GLU A 19 -5.45 7.25 -9.36
N PRO A 20 -6.59 6.65 -9.03
CA PRO A 20 -6.66 5.89 -7.78
C PRO A 20 -5.77 4.66 -7.68
N ILE A 21 -5.53 3.95 -8.79
CA ILE A 21 -4.64 2.81 -8.74
C ILE A 21 -3.17 3.24 -8.75
N ASN A 22 -2.82 4.19 -9.64
CA ASN A 22 -1.44 4.67 -9.72
C ASN A 22 -1.03 5.45 -8.46
N ALA A 23 -2.03 5.89 -7.66
CA ALA A 23 -1.80 6.55 -6.37
C ALA A 23 -1.57 5.60 -5.22
N ILE A 24 -1.69 4.28 -5.43
CA ILE A 24 -1.49 3.28 -4.37
C ILE A 24 -0.08 3.42 -3.81
N SER A 25 -0.02 3.73 -2.51
CA SER A 25 1.22 4.06 -1.79
C SER A 25 0.82 4.32 -0.35
N ASN A 26 1.79 4.69 0.49
CA ASN A 26 1.45 5.10 1.84
C ASN A 26 0.76 6.46 1.87
N VAL A 27 0.86 7.30 0.83
CA VAL A 27 0.39 8.66 0.88
C VAL A 27 -0.79 9.03 -0.04
N GLY A 28 -1.08 8.19 -1.01
CA GLY A 28 -2.19 8.42 -1.93
C GLY A 28 -3.57 8.11 -1.41
N PRO A 29 -3.76 6.93 -0.81
CA PRO A 29 -5.08 6.54 -0.33
C PRO A 29 -5.75 7.49 0.63
N ARG A 30 -5.01 8.16 1.49
CA ARG A 30 -5.64 9.11 2.38
C ARG A 30 -6.34 10.26 1.66
N ILE A 31 -5.91 10.57 0.45
CA ILE A 31 -6.52 11.62 -0.36
C ILE A 31 -7.59 10.98 -1.31
N VAL A 32 -7.20 9.93 -2.07
CA VAL A 32 -8.12 9.38 -3.05
C VAL A 32 -9.31 8.72 -2.40
N ASN A 33 -9.24 8.27 -1.11
CA ASN A 33 -10.42 7.70 -0.45
C ASN A 33 -11.49 8.74 -0.21
N GLN A 34 -11.17 10.02 -0.25
CA GLN A 34 -12.13 11.09 -0.14
C GLN A 34 -12.72 11.55 -1.46
N ILE A 35 -12.00 11.36 -2.55
CA ILE A 35 -12.42 11.75 -3.87
C ILE A 35 -13.32 10.69 -4.53
N PHE A 36 -13.05 9.41 -4.22
CA PHE A 36 -13.68 8.27 -4.86
C PHE A 36 -14.35 7.37 -3.88
N ASP A 37 -15.31 6.58 -4.38
CA ASP A 37 -15.99 5.55 -3.62
C ASP A 37 -15.69 4.17 -4.23
N THR A 38 -16.02 3.12 -3.48
CA THR A 38 -16.01 1.74 -3.90
C THR A 38 -17.41 1.19 -3.91
N LEU A 39 -17.61 0.04 -4.56
CA LEU A 39 -18.91 -0.60 -4.58
C LEU A 39 -19.36 -1.09 -3.17
N VAL A 40 -18.37 -1.60 -2.41
CA VAL A 40 -18.65 -2.15 -1.08
C VAL A 40 -17.50 -1.65 -0.23
N VAL A 41 -17.69 -1.67 1.09
CA VAL A 41 -16.67 -1.27 2.06
C VAL A 41 -16.51 -2.33 3.15
N ARG A 42 -15.33 -2.39 3.73
CA ARG A 42 -15.08 -3.26 4.88
C ARG A 42 -15.63 -2.59 6.11
N ASP A 43 -16.24 -3.34 6.99
CA ASP A 43 -16.64 -2.86 8.31
C ASP A 43 -15.46 -3.18 9.17
N PHE A 44 -14.72 -2.14 9.53
CA PHE A 44 -13.51 -2.29 10.31
C PHE A 44 -13.79 -2.75 11.76
N PHE A 45 -15.02 -2.76 12.23
CA PHE A 45 -15.35 -3.16 13.60
C PHE A 45 -16.29 -4.32 13.64
N SER A 46 -16.34 -5.16 12.57
CA SER A 46 -17.19 -6.32 12.55
C SER A 46 -16.48 -7.46 13.26
N ASN A 47 -17.28 -8.34 13.83
CA ASN A 47 -16.75 -9.48 14.57
C ASN A 47 -15.77 -9.10 15.72
N GLY A 48 -16.07 -8.01 16.45
CA GLY A 48 -15.25 -7.54 17.56
C GLY A 48 -13.89 -6.99 17.19
N ALA A 49 -13.63 -6.77 15.90
CA ALA A 49 -12.32 -6.35 15.43
C ALA A 49 -11.98 -4.92 15.86
N PRO A 50 -10.74 -4.62 16.32
CA PRO A 50 -10.42 -3.26 16.77
C PRO A 50 -9.93 -2.35 15.65
N GLY A 51 -10.72 -2.26 14.57
CA GLY A 51 -10.40 -1.38 13.44
C GLY A 51 -9.81 -2.05 12.22
N ASN A 52 -9.70 -3.40 12.23
CA ASN A 52 -9.18 -4.18 11.09
C ASN A 52 -10.18 -5.28 10.63
N GLY A 53 -11.47 -5.06 10.85
CA GLY A 53 -12.57 -5.97 10.50
C GLY A 53 -12.78 -6.09 9.01
N ILE A 54 -13.50 -7.14 8.62
CA ILE A 54 -13.61 -7.52 7.19
C ILE A 54 -15.01 -7.79 6.63
N ASN A 55 -16.14 -7.84 7.43
CA ASN A 55 -17.50 -8.00 6.88
C ASN A 55 -17.74 -6.90 5.87
N LEU A 56 -18.33 -7.23 4.76
CA LEU A 56 -18.52 -6.26 3.69
C LEU A 56 -19.89 -5.65 3.76
N MET A 57 -19.96 -4.34 3.47
N MET A 57 -19.98 -4.34 3.51
CA MET A 57 -21.16 -3.53 3.57
CA MET A 57 -21.25 -3.63 3.58
C MET A 57 -21.41 -2.70 2.32
C MET A 57 -21.42 -2.73 2.34
N PRO A 58 -22.68 -2.34 2.06
CA PRO A 58 -22.97 -1.57 0.85
C PRO A 58 -22.29 -0.24 0.80
N SER A 59 -22.02 0.20 -0.40
CA SER A 59 -21.52 1.55 -0.65
C SER A 59 -22.13 2.02 -1.98
N LEU A 60 -21.35 2.12 -3.07
CA LEU A 60 -21.95 2.44 -4.39
C LEU A 60 -22.90 1.33 -4.84
N ALA A 61 -22.66 0.09 -4.42
CA ALA A 61 -23.55 -1.01 -4.63
C ALA A 61 -24.50 -1.08 -3.43
N GLU A 62 -25.77 -1.00 -3.64
CA GLU A 62 -26.73 -1.19 -2.58
C GLU A 62 -26.86 -2.64 -2.20
N SER A 63 -26.64 -3.59 -3.11
CA SER A 63 -26.72 -5.00 -2.79
C SER A 63 -25.85 -5.75 -3.81
N TRP A 64 -25.54 -6.97 -3.53
CA TRP A 64 -24.79 -7.83 -4.43
C TRP A 64 -25.07 -9.29 -4.16
N GLU A 65 -24.94 -10.11 -5.19
CA GLU A 65 -25.25 -11.55 -5.11
C GLU A 65 -24.14 -12.28 -5.89
N ARG A 66 -23.41 -13.21 -5.27
CA ARG A 66 -22.47 -14.07 -5.96
C ARG A 66 -23.36 -15.09 -6.70
N ILE A 67 -23.26 -15.17 -8.01
CA ILE A 67 -24.11 -16.09 -8.80
C ILE A 67 -23.42 -17.46 -8.90
N ASP A 68 -22.14 -17.46 -9.11
CA ASP A 68 -21.33 -18.66 -9.24
C ASP A 68 -19.90 -18.40 -8.86
N ASP A 69 -19.01 -19.37 -9.02
CA ASP A 69 -17.64 -19.25 -8.63
C ASP A 69 -16.79 -18.24 -9.44
N LYS A 70 -17.38 -17.63 -10.45
CA LYS A 70 -16.75 -16.64 -11.34
C LYS A 70 -17.46 -15.35 -11.44
N SER A 71 -18.66 -15.18 -10.88
CA SER A 71 -19.50 -14.08 -11.25
C SER A 71 -20.25 -13.50 -10.07
N VAL A 72 -20.22 -12.17 -9.91
CA VAL A 72 -20.92 -11.43 -8.85
C VAL A 72 -21.73 -10.30 -9.40
N ARG A 73 -23.03 -10.27 -9.16
CA ARG A 73 -23.90 -9.23 -9.63
C ARG A 73 -24.01 -8.12 -8.58
N PHE A 74 -23.79 -6.91 -8.98
CA PHE A 74 -23.91 -5.73 -8.11
C PHE A 74 -25.05 -4.90 -8.57
N LYS A 75 -25.97 -4.53 -7.67
CA LYS A 75 -27.05 -3.60 -7.92
C LYS A 75 -26.60 -2.27 -7.36
N LEU A 76 -26.52 -1.25 -8.22
CA LEU A 76 -25.96 0.04 -7.91
C LEU A 76 -27.00 1.00 -7.39
N ARG A 77 -26.55 1.87 -6.46
CA ARG A 77 -27.34 2.99 -6.08
C ARG A 77 -27.66 3.87 -7.29
N GLN A 78 -28.82 4.47 -7.27
CA GLN A 78 -29.30 5.33 -8.33
C GLN A 78 -29.14 6.78 -8.04
N LYS A 79 -28.98 7.58 -9.09
CA LYS A 79 -28.85 9.03 -8.97
C LYS A 79 -27.58 9.45 -8.23
N VAL A 80 -26.55 8.59 -8.23
CA VAL A 80 -25.24 8.96 -7.70
C VAL A 80 -24.58 9.86 -8.74
N MET A 81 -24.10 11.03 -8.33
CA MET A 81 -23.47 11.97 -9.25
C MET A 81 -21.97 11.99 -9.09
N PHE A 82 -21.24 11.92 -10.19
CA PHE A 82 -19.84 12.26 -10.26
C PHE A 82 -19.75 13.80 -10.02
N HIS A 83 -18.57 14.26 -9.71
CA HIS A 83 -18.37 15.67 -9.37
C HIS A 83 -18.71 16.64 -10.49
N ASP A 84 -18.68 16.18 -11.74
CA ASP A 84 -19.04 17.03 -12.88
C ASP A 84 -20.51 16.94 -13.27
N GLY A 85 -21.36 16.34 -12.46
CA GLY A 85 -22.78 16.25 -12.72
C GLY A 85 -23.22 15.10 -13.59
N VAL A 86 -22.32 14.24 -14.01
CA VAL A 86 -22.69 13.03 -14.77
C VAL A 86 -23.12 11.94 -13.79
N GLU A 87 -24.26 11.29 -14.03
CA GLU A 87 -24.72 10.21 -13.18
C GLU A 87 -23.84 8.98 -13.38
N MET A 88 -23.49 8.36 -12.28
CA MET A 88 -22.80 7.10 -12.30
C MET A 88 -23.78 6.00 -12.70
N THR A 89 -23.32 5.14 -13.62
CA THR A 89 -24.12 3.97 -14.02
C THR A 89 -23.20 2.73 -14.07
N ALA A 90 -23.81 1.57 -14.40
CA ALA A 90 -23.12 0.35 -14.62
C ALA A 90 -21.99 0.47 -15.66
N ASP A 91 -22.14 1.37 -16.63
CA ASP A 91 -21.08 1.56 -17.63
C ASP A 91 -19.76 2.03 -17.04
N ASP A 92 -19.85 2.85 -15.99
CA ASP A 92 -18.69 3.33 -15.30
C ASP A 92 -17.99 2.24 -14.49
N VAL A 93 -18.79 1.44 -13.79
CA VAL A 93 -18.25 0.32 -13.03
C VAL A 93 -17.63 -0.72 -13.97
N ALA A 94 -18.31 -1.01 -15.07
CA ALA A 94 -17.75 -1.93 -16.07
C ALA A 94 -16.37 -1.43 -16.57
N TYR A 95 -16.31 -0.15 -16.93
CA TYR A 95 -15.08 0.45 -17.40
C TYR A 95 -13.97 0.38 -16.41
N THR A 96 -14.32 0.65 -15.11
CA THR A 96 -13.32 0.58 -14.05
C THR A 96 -12.55 -0.77 -14.02
N PHE A 97 -13.30 -1.86 -14.31
CA PHE A 97 -12.71 -3.19 -14.26
C PHE A 97 -12.57 -3.87 -15.62
N SER A 98 -12.45 -3.04 -16.65
CA SER A 98 -12.36 -3.48 -18.03
C SER A 98 -10.98 -3.88 -18.45
N SER A 99 -10.92 -4.68 -19.55
N SER A 99 -10.91 -4.68 -19.55
CA SER A 99 -9.64 -5.00 -20.15
CA SER A 99 -9.61 -5.00 -20.14
C SER A 99 -8.94 -3.70 -20.64
C SER A 99 -8.92 -3.70 -20.64
N GLU A 100 -9.69 -2.79 -21.19
CA GLU A 100 -9.12 -1.54 -21.72
C GLU A 100 -8.40 -0.71 -20.65
N ARG A 101 -9.05 -0.53 -19.52
CA ARG A 101 -8.49 0.34 -18.50
C ARG A 101 -7.58 -0.35 -17.56
N LEU A 102 -7.89 -1.57 -17.14
CA LEU A 102 -7.20 -2.21 -16.06
C LEU A 102 -6.26 -3.39 -16.37
N TRP A 103 -6.79 -4.48 -16.96
CA TRP A 103 -6.08 -5.75 -16.99
C TRP A 103 -5.69 -6.31 -18.37
N GLY A 104 -6.05 -5.63 -19.44
CA GLY A 104 -5.66 -6.06 -20.77
C GLY A 104 -4.21 -5.73 -21.05
N PRO A 105 -3.67 -6.28 -22.16
CA PRO A 105 -2.23 -6.05 -22.45
C PRO A 105 -1.81 -4.59 -22.60
N ASP A 106 -2.60 -3.75 -23.28
CA ASP A 106 -2.24 -2.34 -23.46
C ASP A 106 -2.45 -1.46 -22.17
N ALA A 107 -3.34 -1.90 -21.25
CA ALA A 107 -3.55 -1.18 -19.99
C ALA A 107 -2.28 -1.08 -19.17
N ILE A 108 -1.29 -2.01 -19.36
CA ILE A 108 -0.01 -2.02 -18.60
C ILE A 108 0.89 -0.83 -18.91
N LYS A 109 0.76 -0.21 -20.09
CA LYS A 109 1.62 0.93 -20.41
C LYS A 109 1.32 2.13 -19.51
N VAL A 110 0.02 2.29 -19.08
CA VAL A 110 -0.41 3.45 -18.30
C VAL A 110 -0.75 3.11 -16.84
N ILE A 111 -1.11 1.87 -16.51
CA ILE A 111 -1.35 1.49 -15.10
C ILE A 111 -0.36 0.35 -15.00
N PRO A 112 0.95 0.65 -14.88
CA PRO A 112 1.95 -0.42 -14.98
C PRO A 112 1.72 -1.62 -14.11
N LEU A 113 1.11 -1.39 -12.96
CA LEU A 113 0.88 -2.44 -12.00
C LEU A 113 -0.53 -3.00 -11.98
N GLY A 114 -1.39 -2.61 -12.90
CA GLY A 114 -2.76 -3.05 -12.95
C GLY A 114 -2.87 -4.53 -13.13
N GLY A 115 -2.07 -5.08 -14.04
CA GLY A 115 -2.06 -6.51 -14.30
C GLY A 115 -1.66 -7.34 -13.09
N SER A 116 -0.54 -7.00 -12.46
CA SER A 116 -0.06 -7.74 -11.28
C SER A 116 -0.99 -7.67 -10.10
N TYR A 117 -1.75 -6.57 -9.97
CA TYR A 117 -2.71 -6.39 -8.88
C TYR A 117 -4.15 -6.74 -9.24
N ALA A 118 -4.41 -7.22 -10.43
CA ALA A 118 -5.72 -7.61 -10.85
C ALA A 118 -5.96 -9.03 -10.54
N LEU A 119 -7.22 -9.35 -10.27
CA LEU A 119 -7.68 -10.73 -10.24
C LEU A 119 -7.73 -11.18 -11.73
N ASP A 120 -7.99 -12.44 -12.00
CA ASP A 120 -8.05 -12.97 -13.36
C ASP A 120 -9.39 -12.60 -13.97
N PHE A 121 -9.60 -11.28 -14.18
CA PHE A 121 -10.86 -10.80 -14.64
C PHE A 121 -11.20 -11.20 -16.08
N ASP A 122 -12.48 -11.33 -16.35
CA ASP A 122 -13.02 -11.28 -17.69
C ASP A 122 -13.80 -9.95 -17.81
N GLU A 123 -14.31 -9.66 -18.98
CA GLU A 123 -14.96 -8.38 -19.20
C GLU A 123 -16.25 -8.27 -18.42
N PRO A 124 -16.44 -7.19 -17.59
CA PRO A 124 -17.73 -7.04 -16.94
C PRO A 124 -18.93 -7.08 -17.89
N VAL A 125 -20.09 -7.43 -17.43
CA VAL A 125 -21.32 -7.42 -18.19
C VAL A 125 -22.25 -6.39 -17.57
N VAL A 126 -22.77 -5.47 -18.37
CA VAL A 126 -23.77 -4.51 -17.95
C VAL A 126 -25.15 -5.08 -18.29
N GLU A 127 -25.97 -5.41 -17.30
CA GLU A 127 -27.31 -5.94 -17.56
C GLU A 127 -28.35 -4.83 -17.75
N ASP A 128 -28.21 -3.72 -17.04
CA ASP A 128 -29.06 -2.55 -17.19
C ASP A 128 -28.31 -1.39 -16.55
N LYS A 129 -28.91 -0.20 -16.58
CA LYS A 129 -28.28 1.01 -16.15
C LYS A 129 -27.66 0.91 -14.74
N TYR A 130 -28.28 0.15 -13.87
CA TYR A 130 -27.88 0.04 -12.48
C TYR A 130 -27.48 -1.37 -12.07
N THR A 131 -27.10 -2.24 -13.04
CA THR A 131 -26.78 -3.59 -12.67
C THR A 131 -25.56 -4.03 -13.44
N VAL A 132 -24.53 -4.48 -12.79
CA VAL A 132 -23.30 -4.92 -13.42
C VAL A 132 -22.83 -6.20 -12.84
N VAL A 133 -22.26 -7.08 -13.66
CA VAL A 133 -21.76 -8.35 -13.22
C VAL A 133 -20.26 -8.36 -13.40
N ILE A 134 -19.50 -8.55 -12.34
CA ILE A 134 -18.05 -8.63 -12.34
C ILE A 134 -17.72 -10.09 -12.44
N ARG A 135 -16.88 -10.42 -13.41
CA ARG A 135 -16.54 -11.78 -13.75
C ARG A 135 -15.07 -12.05 -13.71
N THR A 136 -14.71 -13.31 -13.46
CA THR A 136 -13.35 -13.78 -13.54
C THR A 136 -13.30 -15.01 -14.51
N LYS A 137 -12.19 -15.11 -15.24
CA LYS A 137 -12.00 -16.21 -16.20
C LYS A 137 -11.86 -17.53 -15.49
N THR A 138 -11.30 -17.54 -14.30
CA THR A 138 -11.14 -18.73 -13.50
C THR A 138 -11.82 -18.46 -12.15
N PRO A 139 -12.14 -19.49 -11.35
CA PRO A 139 -12.81 -19.26 -10.07
C PRO A 139 -11.92 -18.48 -9.10
N THR A 140 -12.59 -17.64 -8.27
CA THR A 140 -11.93 -17.00 -7.14
C THR A 140 -12.97 -16.54 -6.18
N PRO A 141 -12.73 -16.70 -4.89
CA PRO A 141 -13.67 -16.17 -3.88
C PRO A 141 -13.38 -14.72 -3.52
N LEU A 142 -12.36 -14.10 -4.10
CA LEU A 142 -11.91 -12.77 -3.66
C LEU A 142 -12.60 -11.60 -4.28
N THR A 143 -13.50 -11.79 -5.23
CA THR A 143 -14.04 -10.67 -5.96
C THR A 143 -14.67 -9.59 -5.07
N GLU A 144 -15.49 -10.01 -4.13
CA GLU A 144 -16.26 -9.07 -3.31
C GLU A 144 -15.32 -8.25 -2.44
N SER A 145 -14.40 -8.89 -1.73
N SER A 145 -14.40 -8.91 -1.75
CA SER A 145 -13.45 -8.15 -0.87
CA SER A 145 -13.39 -8.27 -0.91
C SER A 145 -12.50 -7.30 -1.71
C SER A 145 -12.55 -7.31 -1.73
N TYR A 146 -12.16 -7.74 -2.94
CA TYR A 146 -11.37 -6.94 -3.84
C TYR A 146 -12.04 -5.61 -4.16
N MET A 147 -13.38 -5.63 -4.29
CA MET A 147 -14.12 -4.42 -4.57
CA MET A 147 -14.19 -4.43 -4.59
C MET A 147 -14.11 -3.43 -3.44
N ALA A 148 -13.80 -3.84 -2.25
CA ALA A 148 -13.67 -2.92 -1.11
C ALA A 148 -12.24 -2.39 -0.99
N SER A 149 -11.29 -2.87 -1.79
CA SER A 149 -9.90 -2.53 -1.68
C SER A 149 -9.53 -1.28 -2.43
N TRP A 150 -8.26 -0.85 -2.29
CA TRP A 150 -7.75 0.26 -3.05
C TRP A 150 -7.64 0.03 -4.54
N MET A 151 -7.95 -1.17 -5.07
CA MET A 151 -8.10 -1.34 -6.49
C MET A 151 -9.51 -1.08 -7.01
N GLY A 152 -10.48 -0.90 -6.12
CA GLY A 152 -11.87 -0.81 -6.49
C GLY A 152 -12.51 0.54 -6.62
N ARG A 153 -11.75 1.63 -6.52
N ARG A 153 -11.74 1.61 -6.57
CA ARG A 153 -12.31 2.99 -6.58
CA ARG A 153 -12.37 2.93 -6.69
C ARG A 153 -12.88 3.26 -8.01
C ARG A 153 -12.95 3.15 -8.09
N ILE A 154 -14.17 3.65 -8.09
CA ILE A 154 -14.94 3.80 -9.31
C ILE A 154 -14.63 5.08 -10.02
N VAL A 155 -14.24 4.97 -11.29
CA VAL A 155 -13.91 6.12 -12.12
C VAL A 155 -14.99 6.35 -13.17
N PRO A 156 -15.12 7.63 -13.63
CA PRO A 156 -16.13 7.99 -14.65
C PRO A 156 -15.65 7.61 -16.05
N LYS A 157 -16.34 6.69 -16.71
CA LYS A 157 -15.86 6.19 -18.00
C LYS A 157 -15.63 7.29 -19.04
N ALA A 158 -16.65 8.10 -19.33
CA ALA A 158 -16.49 9.05 -20.45
C ALA A 158 -15.37 10.02 -20.20
N TYR A 159 -15.36 10.68 -19.03
CA TYR A 159 -14.35 11.65 -18.71
C TYR A 159 -12.96 11.03 -18.64
N TYR A 160 -12.83 9.89 -17.95
CA TYR A 160 -11.53 9.25 -17.80
C TYR A 160 -10.99 8.85 -19.19
N LYS A 161 -11.81 8.17 -19.97
CA LYS A 161 -11.34 7.68 -21.28
C LYS A 161 -10.95 8.83 -22.19
N THR A 162 -11.70 9.93 -22.15
CA THR A 162 -11.36 11.11 -22.95
C THR A 162 -9.99 11.67 -22.57
N LEU A 163 -9.73 11.85 -21.27
CA LEU A 163 -8.47 12.41 -20.80
CA LEU A 163 -8.45 12.41 -20.82
C LEU A 163 -7.28 11.45 -20.90
N GLY A 164 -7.52 10.18 -20.64
CA GLY A 164 -6.50 9.17 -20.50
C GLY A 164 -6.05 9.18 -19.06
N THR A 165 -5.53 8.01 -18.64
CA THR A 165 -5.04 7.75 -17.28
C THR A 165 -4.18 8.88 -16.68
N ALA A 166 -3.14 9.33 -17.38
CA ALA A 166 -2.22 10.33 -16.84
C ALA A 166 -2.86 11.70 -16.60
N ALA A 167 -3.57 12.26 -17.59
CA ALA A 167 -4.22 13.53 -17.46
C ALA A 167 -5.38 13.47 -16.44
N PHE A 168 -6.10 12.33 -16.39
CA PHE A 168 -7.15 12.15 -15.39
C PHE A 168 -6.53 12.24 -13.96
N GLY A 169 -5.34 11.69 -13.80
CA GLY A 169 -4.65 11.74 -12.53
C GLY A 169 -4.30 13.11 -12.03
N ASN A 170 -4.25 14.14 -12.92
CA ASN A 170 -4.03 15.52 -12.53
C ASN A 170 -5.31 16.34 -12.34
N LYS A 171 -6.45 15.81 -12.76
CA LYS A 171 -7.73 16.45 -12.61
C LYS A 171 -8.78 15.36 -12.39
N PRO A 172 -8.69 14.67 -11.23
CA PRO A 172 -9.61 13.57 -10.98
C PRO A 172 -11.05 13.99 -10.71
N VAL A 173 -12.01 13.20 -11.21
CA VAL A 173 -13.42 13.30 -10.99
C VAL A 173 -13.87 11.94 -10.44
N GLY A 174 -14.57 12.01 -9.30
CA GLY A 174 -15.07 10.81 -8.63
C GLY A 174 -16.46 11.06 -8.13
N THR A 175 -16.96 10.15 -7.31
CA THR A 175 -18.25 10.25 -6.62
C THR A 175 -18.16 10.54 -5.13
N GLY A 176 -16.97 10.69 -4.62
CA GLY A 176 -16.73 10.78 -3.21
C GLY A 176 -17.19 12.07 -2.56
N PRO A 177 -17.06 12.12 -1.23
CA PRO A 177 -17.57 13.27 -0.45
C PRO A 177 -16.76 14.54 -0.62
N TYR A 178 -15.56 14.49 -1.15
CA TYR A 178 -14.75 15.67 -1.47
C TYR A 178 -14.36 15.66 -2.90
N LYS A 179 -14.32 16.87 -3.51
CA LYS A 179 -14.00 17.03 -4.91
C LYS A 179 -12.71 17.79 -5.09
N PHE A 180 -12.04 17.44 -6.18
CA PHE A 180 -10.73 17.99 -6.47
C PHE A 180 -10.73 19.50 -6.66
N VAL A 181 -9.75 20.17 -6.05
CA VAL A 181 -9.52 21.60 -6.28
C VAL A 181 -8.11 21.81 -6.88
N GLU A 182 -7.04 21.35 -6.27
CA GLU A 182 -5.67 21.63 -6.73
C GLU A 182 -4.73 20.52 -6.38
N PHE A 183 -3.68 20.34 -7.21
CA PHE A 183 -2.61 19.39 -7.01
C PHE A 183 -1.31 20.06 -7.45
N VAL A 184 -0.37 20.20 -6.49
CA VAL A 184 0.97 20.75 -6.74
C VAL A 184 1.89 19.65 -6.38
N ALA A 185 2.57 19.05 -7.40
CA ALA A 185 3.51 17.95 -7.25
C ALA A 185 4.50 18.23 -6.16
N ASN A 186 4.73 17.26 -5.27
CA ASN A 186 5.68 17.37 -4.19
C ASN A 186 5.36 18.48 -3.20
N ASP A 187 4.10 18.95 -3.13
CA ASP A 187 3.77 20.05 -2.22
C ASP A 187 2.38 19.90 -1.58
N ARG A 188 1.29 19.94 -2.36
CA ARG A 188 -0.04 19.90 -1.75
C ARG A 188 -1.15 19.42 -2.65
N VAL A 189 -2.24 19.00 -2.00
CA VAL A 189 -3.52 18.69 -2.63
C VAL A 189 -4.59 19.35 -1.82
N VAL A 190 -5.52 20.01 -2.47
CA VAL A 190 -6.67 20.62 -1.86
C VAL A 190 -7.89 20.00 -2.47
N ILE A 191 -8.84 19.58 -1.60
CA ILE A 191 -10.16 19.06 -1.98
C ILE A 191 -11.23 19.80 -1.18
N GLU A 192 -12.43 19.88 -1.74
CA GLU A 192 -13.51 20.61 -1.08
C GLU A 192 -14.76 19.79 -0.92
N ALA A 193 -15.60 20.16 0.06
CA ALA A 193 -16.83 19.43 0.35
C ALA A 193 -17.70 19.27 -0.89
N ASN A 194 -18.18 18.07 -1.16
CA ASN A 194 -19.12 17.74 -2.21
C ASN A 194 -20.47 17.55 -1.53
N ASP A 195 -21.27 18.60 -1.46
CA ASP A 195 -22.58 18.50 -0.82
C ASP A 195 -23.61 17.80 -1.67
N ALA A 196 -23.29 17.42 -2.90
CA ALA A 196 -24.13 16.55 -3.71
C ALA A 196 -23.82 15.06 -3.46
N TYR A 197 -22.97 14.75 -2.48
CA TYR A 197 -22.63 13.39 -2.17
C TYR A 197 -23.90 12.58 -1.85
N TRP A 198 -23.91 11.35 -2.30
CA TRP A 198 -25.02 10.45 -2.06
C TRP A 198 -25.14 10.00 -0.63
N GLY A 199 -24.03 9.98 0.12
CA GLY A 199 -23.97 9.47 1.48
C GLY A 199 -24.05 10.56 2.50
N LEU A 200 -23.44 10.37 3.66
CA LEU A 200 -23.49 11.40 4.71
C LEU A 200 -22.83 12.66 4.23
N LYS A 201 -23.44 13.78 4.57
CA LYS A 201 -22.90 15.09 4.20
C LYS A 201 -21.50 15.28 4.72
N PRO A 202 -20.54 15.77 3.91
CA PRO A 202 -19.18 16.05 4.40
C PRO A 202 -19.24 16.97 5.65
N THR A 203 -18.34 16.71 6.61
CA THR A 203 -18.30 17.49 7.84
C THR A 203 -17.19 18.53 7.84
N ALA A 204 -16.28 18.57 6.89
CA ALA A 204 -15.28 19.62 6.73
C ALA A 204 -15.62 20.38 5.46
N SER A 205 -15.31 21.69 5.42
CA SER A 205 -15.53 22.50 4.23
C SER A 205 -14.49 22.24 3.19
N LYS A 206 -13.28 21.94 3.58
CA LYS A 206 -12.16 21.77 2.70
C LYS A 206 -11.07 21.02 3.40
N ILE A 207 -10.19 20.33 2.66
CA ILE A 207 -9.10 19.62 3.24
C ILE A 207 -7.85 19.95 2.42
N THR A 208 -6.78 20.38 3.10
CA THR A 208 -5.49 20.63 2.44
C THR A 208 -4.48 19.64 3.00
N TYR A 209 -3.86 18.86 2.15
CA TYR A 209 -2.80 17.91 2.50
C TYR A 209 -1.53 18.63 2.10
N GLN A 210 -0.71 18.97 3.06
CA GLN A 210 0.51 19.76 2.84
C GLN A 210 1.71 18.92 3.20
N LEU A 211 2.63 18.75 2.25
CA LEU A 211 3.84 18.00 2.51
C LEU A 211 4.71 18.73 3.53
N VAL A 212 5.05 18.08 4.63
CA VAL A 212 5.95 18.61 5.67
C VAL A 212 6.93 17.47 5.88
N ALA A 213 8.09 17.53 5.17
CA ALA A 213 9.00 16.39 5.10
C ALA A 213 9.53 15.87 6.42
N GLU A 214 9.90 16.80 7.31
CA GLU A 214 10.52 16.39 8.58
C GLU A 214 9.49 16.20 9.71
N PRO A 215 9.51 15.08 10.45
CA PRO A 215 8.49 14.89 11.48
C PRO A 215 8.50 15.93 12.58
N ALA A 216 9.68 16.46 12.97
CA ALA A 216 9.70 17.52 14.00
C ALA A 216 9.02 18.77 13.54
N THR A 217 9.06 19.08 12.25
CA THR A 217 8.33 20.23 11.71
C THR A 217 6.81 19.96 11.76
N ARG A 218 6.38 18.70 11.56
CA ARG A 218 4.97 18.37 11.65
C ARG A 218 4.50 18.48 13.08
N VAL A 219 5.30 18.00 14.03
CA VAL A 219 4.95 18.10 15.45
C VAL A 219 4.87 19.58 15.86
N ALA A 220 5.85 20.41 15.46
CA ALA A 220 5.81 21.84 15.79
C ALA A 220 4.63 22.55 15.15
N GLY A 221 4.28 22.17 13.91
CA GLY A 221 3.13 22.72 13.20
C GLY A 221 1.81 22.37 13.86
N LEU A 222 1.68 21.18 14.45
CA LEU A 222 0.46 20.83 15.17
C LEU A 222 0.38 21.67 16.47
N ILE A 223 1.53 21.80 17.18
CA ILE A 223 1.60 22.55 18.43
C ILE A 223 1.22 24.01 18.20
N SER A 224 1.70 24.61 17.12
CA SER A 224 1.42 26.01 16.82
C SER A 224 0.08 26.31 16.17
N GLY A 225 -0.72 25.28 15.85
CA GLY A 225 -2.00 25.45 15.18
C GLY A 225 -1.91 25.60 13.67
N GLU A 226 -0.72 25.47 13.09
CA GLU A 226 -0.56 25.54 11.63
C GLU A 226 -1.24 24.33 10.97
N TYR A 227 -1.20 23.18 11.65
CA TYR A 227 -1.88 21.99 11.18
C TYR A 227 -2.87 21.55 12.24
N ASP A 228 -4.00 21.02 11.75
CA ASP A 228 -5.03 20.42 12.56
C ASP A 228 -4.75 18.96 12.86
N ILE A 229 -4.09 18.26 11.90
CA ILE A 229 -3.76 16.85 11.98
C ILE A 229 -2.38 16.69 11.34
N VAL A 230 -1.59 15.77 11.82
CA VAL A 230 -0.31 15.40 11.21
C VAL A 230 -0.18 13.89 11.23
N THR A 231 0.53 13.35 10.21
CA THR A 231 0.71 11.94 10.05
C THR A 231 2.14 11.46 10.26
N THR A 232 2.31 10.14 10.35
CA THR A 232 3.58 9.45 10.24
C THR A 232 4.56 9.84 11.33
N LEU A 233 4.08 9.83 12.54
CA LEU A 233 4.92 10.08 13.70
C LEU A 233 5.33 8.73 14.29
N THR A 234 6.12 8.77 15.35
CA THR A 234 6.60 7.56 16.00
C THR A 234 6.20 7.59 17.47
N PRO A 235 6.30 6.47 18.18
CA PRO A 235 5.98 6.49 19.61
C PRO A 235 6.77 7.51 20.43
N ASP A 236 7.99 7.88 20.03
CA ASP A 236 8.78 8.87 20.78
C ASP A 236 8.14 10.26 20.83
N ASP A 237 7.30 10.60 19.83
CA ASP A 237 6.63 11.92 19.80
C ASP A 237 5.40 12.00 20.71
N MET A 238 4.92 10.89 21.23
CA MET A 238 3.66 10.85 21.94
C MET A 238 3.63 11.62 23.24
N ALA A 239 4.66 11.46 24.10
CA ALA A 239 4.66 12.15 25.39
C ALA A 239 4.57 13.68 25.22
N LEU A 240 5.37 14.27 24.33
CA LEU A 240 5.32 15.71 24.09
C LEU A 240 3.94 16.15 23.61
N ILE A 241 3.37 15.47 22.60
CA ILE A 241 2.08 15.90 22.06
C ILE A 241 0.98 15.77 23.10
N ASN A 242 0.91 14.61 23.78
CA ASN A 242 -0.11 14.36 24.78
C ASN A 242 0.02 15.25 26.04
N SER A 243 1.15 15.97 26.19
CA SER A 243 1.34 16.91 27.31
C SER A 243 0.53 18.21 27.05
N TYR A 244 0.05 18.44 25.78
CA TYR A 244 -0.83 19.56 25.43
C TYR A 244 -2.29 19.09 25.58
N PRO A 245 -3.07 19.66 26.50
CA PRO A 245 -4.43 19.15 26.71
C PRO A 245 -5.36 19.26 25.52
N ASP A 246 -5.12 20.17 24.60
CA ASP A 246 -5.92 20.32 23.38
C ASP A 246 -5.53 19.36 22.25
N LEU A 247 -4.43 18.62 22.38
CA LEU A 247 -3.92 17.67 21.37
C LEU A 247 -3.94 16.25 21.84
N GLU A 248 -3.82 15.31 20.88
CA GLU A 248 -3.72 13.91 21.24
C GLU A 248 -3.07 13.13 20.10
N THR A 249 -2.58 11.96 20.41
CA THR A 249 -2.04 11.02 19.44
C THR A 249 -2.92 9.81 19.38
N ARG A 250 -2.77 9.07 18.31
CA ARG A 250 -3.41 7.78 18.14
C ARG A 250 -2.38 6.89 17.46
N GLY A 251 -2.14 5.72 18.00
CA GLY A 251 -1.19 4.79 17.43
C GLY A 251 -1.69 3.37 17.35
N ASN A 252 -1.25 2.64 16.33
CA ASN A 252 -1.60 1.23 16.23
C ASN A 252 -0.70 0.50 15.25
N ILE A 253 -0.63 -0.80 15.42
CA ILE A 253 0.08 -1.66 14.49
C ILE A 253 -0.77 -1.68 13.22
N VAL A 254 -0.15 -1.40 12.09
CA VAL A 254 -0.75 -1.39 10.77
C VAL A 254 -0.43 -2.68 10.04
N GLU A 255 -1.31 -3.02 9.09
CA GLU A 255 -1.16 -4.21 8.23
C GLU A 255 -0.29 -3.82 7.06
N ASN A 256 0.95 -3.46 7.37
CA ASN A 256 1.95 -2.98 6.43
C ASN A 256 3.31 -3.27 7.02
N PHE A 257 4.24 -3.68 6.19
CA PHE A 257 5.61 -3.90 6.66
C PHE A 257 6.56 -3.00 5.96
N HIS A 258 7.52 -2.48 6.74
CA HIS A 258 8.64 -1.77 6.21
C HIS A 258 9.71 -2.82 5.77
N MET A 259 10.46 -2.51 4.74
CA MET A 259 11.51 -3.38 4.21
C MET A 259 12.60 -2.56 3.51
N PHE A 260 13.69 -3.27 3.17
CA PHE A 260 14.67 -2.81 2.22
C PHE A 260 14.73 -3.88 1.13
N THR A 261 15.04 -3.46 -0.08
CA THR A 261 15.06 -4.32 -1.24
C THR A 261 16.21 -3.92 -2.19
N PHE A 262 16.32 -4.62 -3.31
CA PHE A 262 17.44 -4.49 -4.21
C PHE A 262 17.08 -4.38 -5.64
N ASN A 263 17.91 -3.68 -6.41
CA ASN A 263 17.79 -3.69 -7.84
C ASN A 263 18.60 -4.94 -8.22
N MET A 264 17.93 -5.97 -8.69
CA MET A 264 18.56 -7.22 -9.07
C MET A 264 18.98 -7.24 -10.57
N ASN A 265 18.79 -6.12 -11.30
CA ASN A 265 19.35 -5.92 -12.64
C ASN A 265 20.85 -5.51 -12.51
N GLN A 266 21.30 -5.10 -11.31
CA GLN A 266 22.68 -4.70 -11.06
C GLN A 266 23.48 -5.99 -10.88
N PRO A 267 24.66 -6.17 -11.52
CA PRO A 267 25.43 -7.40 -11.28
C PRO A 267 25.73 -7.70 -9.80
N VAL A 268 25.86 -6.67 -8.96
CA VAL A 268 26.13 -6.85 -7.52
C VAL A 268 24.95 -7.54 -6.78
N PHE A 269 23.72 -7.45 -7.34
CA PHE A 269 22.56 -8.08 -6.73
C PHE A 269 21.85 -9.06 -7.69
N GLN A 270 22.51 -9.47 -8.80
CA GLN A 270 21.91 -10.42 -9.73
C GLN A 270 21.70 -11.83 -9.13
N SER A 271 22.41 -12.20 -8.03
CA SER A 271 22.28 -13.50 -7.35
C SER A 271 22.07 -13.35 -5.82
N LYS A 272 21.53 -14.39 -5.17
CA LYS A 272 21.15 -14.37 -3.74
C LYS A 272 22.26 -14.21 -2.66
N PRO A 273 23.53 -14.68 -2.78
CA PRO A 273 24.46 -14.60 -1.63
C PRO A 273 24.63 -13.23 -0.91
N LEU A 274 24.90 -12.12 -1.62
CA LEU A 274 25.11 -10.82 -0.94
C LEU A 274 23.77 -10.25 -0.41
N ARG A 275 22.67 -10.49 -1.12
CA ARG A 275 21.33 -10.09 -0.65
C ARG A 275 21.00 -10.78 0.68
N ARG A 276 21.22 -12.10 0.76
CA ARG A 276 20.96 -12.86 1.96
C ARG A 276 21.94 -12.46 3.07
N ALA A 277 23.20 -12.09 2.72
CA ALA A 277 24.16 -11.67 3.74
C ALA A 277 23.67 -10.39 4.42
N LEU A 278 23.27 -9.38 3.61
CA LEU A 278 22.71 -8.13 4.14
C LEU A 278 21.47 -8.40 5.01
N ALA A 279 20.66 -9.40 4.61
CA ALA A 279 19.47 -9.83 5.34
C ALA A 279 19.78 -10.43 6.73
N LEU A 280 20.73 -11.38 6.81
CA LEU A 280 21.02 -12.07 8.05
C LEU A 280 21.77 -11.21 9.07
N ALA A 281 22.31 -10.04 8.69
CA ALA A 281 23.00 -9.12 9.60
C ALA A 281 22.08 -8.04 10.22
N VAL A 282 20.78 -8.02 9.87
CA VAL A 282 19.87 -7.03 10.42
C VAL A 282 19.42 -7.52 11.77
N ASN A 283 19.68 -6.73 12.81
CA ASN A 283 19.28 -7.09 14.18
C ASN A 283 17.96 -6.33 14.46
N ARG A 284 16.81 -6.96 14.16
CA ARG A 284 15.50 -6.30 14.29
C ARG A 284 15.11 -5.93 15.74
N PRO A 285 15.22 -6.83 16.75
CA PRO A 285 14.85 -6.42 18.13
C PRO A 285 15.62 -5.20 18.65
N LEU A 286 16.89 -5.00 18.22
CA LEU A 286 17.67 -3.82 18.63
C LEU A 286 17.10 -2.54 18.02
N ILE A 287 16.74 -2.57 16.72
CA ILE A 287 16.20 -1.41 16.01
C ILE A 287 14.84 -1.02 16.63
N VAL A 288 14.02 -2.03 16.92
CA VAL A 288 12.70 -1.86 17.52
C VAL A 288 12.81 -1.27 18.96
N GLN A 289 13.80 -1.71 19.73
CA GLN A 289 14.02 -1.20 21.10
C GLN A 289 14.56 0.23 21.09
N SER A 290 15.47 0.54 20.18
N SER A 290 15.46 0.55 20.16
CA SER A 290 16.07 1.86 20.10
CA SER A 290 16.10 1.86 20.08
C SER A 290 15.13 2.93 19.57
C SER A 290 15.26 2.98 19.46
N LEU A 291 14.49 2.67 18.42
CA LEU A 291 13.71 3.69 17.73
C LEU A 291 12.19 3.60 17.80
N TRP A 292 11.63 2.52 18.32
CA TRP A 292 10.18 2.31 18.31
C TRP A 292 9.56 2.08 19.68
N MET A 293 10.32 2.29 20.79
CA MET A 293 9.84 2.02 22.15
C MET A 293 9.22 0.62 22.29
N ASN A 294 9.77 -0.36 21.53
CA ASN A 294 9.30 -1.74 21.54
C ASN A 294 7.83 -1.87 21.13
N LYS A 295 7.31 -0.91 20.33
CA LYS A 295 5.92 -0.96 19.89
C LYS A 295 5.78 -1.48 18.44
N ALA A 296 6.81 -1.39 17.61
CA ALA A 296 6.77 -1.97 16.25
C ALA A 296 6.87 -3.49 16.44
N THR A 297 6.18 -4.29 15.60
CA THR A 297 6.18 -5.75 15.80
C THR A 297 6.85 -6.45 14.61
N ILE A 298 7.52 -7.56 14.91
CA ILE A 298 8.31 -8.29 13.94
C ILE A 298 7.52 -9.53 13.58
N PRO A 299 7.06 -9.61 12.31
CA PRO A 299 6.27 -10.79 11.93
C PRO A 299 7.14 -12.04 11.74
N ASN A 300 6.56 -13.23 11.92
CA ASN A 300 7.25 -14.50 11.66
C ASN A 300 7.18 -14.79 10.17
N GLY A 301 7.96 -14.04 9.40
CA GLY A 301 8.01 -14.17 7.97
C GLY A 301 7.02 -13.27 7.24
N PHE A 302 6.89 -13.52 5.95
CA PHE A 302 5.95 -12.79 5.08
C PHE A 302 4.60 -13.43 5.36
N ASN A 303 4.03 -13.12 6.53
CA ASN A 303 2.99 -13.87 7.14
C ASN A 303 2.31 -13.03 8.16
N PHE A 304 1.06 -12.66 7.88
CA PHE A 304 0.34 -11.71 8.72
C PHE A 304 -1.05 -12.22 9.12
N PRO A 305 -1.54 -11.86 10.32
CA PRO A 305 -2.81 -12.43 10.78
C PRO A 305 -4.03 -12.12 9.91
N ASN A 306 -4.00 -11.02 9.14
CA ASN A 306 -5.14 -10.69 8.28
C ASN A 306 -5.29 -11.69 7.13
N TYR A 307 -4.29 -12.54 6.84
CA TYR A 307 -4.42 -13.56 5.80
C TYR A 307 -5.46 -14.65 6.16
N GLY A 308 -5.89 -14.73 7.41
CA GLY A 308 -6.91 -15.69 7.81
C GLY A 308 -6.51 -17.15 7.67
N LYS A 309 -7.04 -17.82 6.65
CA LYS A 309 -6.73 -19.23 6.43
C LYS A 309 -5.29 -19.45 5.96
N THR A 310 -4.64 -18.44 5.39
CA THR A 310 -3.26 -18.54 4.95
C THR A 310 -2.31 -17.77 5.87
N PHE A 311 -2.69 -17.58 7.14
CA PHE A 311 -1.83 -17.04 8.18
C PHE A 311 -1.35 -18.29 8.94
N ASP A 312 -0.04 -18.41 9.19
CA ASP A 312 0.50 -19.53 9.97
C ASP A 312 0.90 -18.97 11.36
N PRO A 313 0.11 -19.17 12.45
CA PRO A 313 0.48 -18.59 13.74
C PRO A 313 1.70 -19.25 14.39
N ASN A 314 2.08 -20.47 13.92
CA ASN A 314 3.20 -21.23 14.45
C ASN A 314 4.46 -21.17 13.58
N ARG A 315 4.53 -20.26 12.59
CA ARG A 315 5.72 -20.16 11.75
C ARG A 315 6.90 -19.64 12.56
N ARG A 316 8.10 -20.08 12.19
CA ARG A 316 9.33 -19.68 12.87
C ARG A 316 9.66 -18.20 12.61
N ALA A 317 10.52 -17.64 13.46
CA ALA A 317 11.00 -16.30 13.29
C ALA A 317 11.97 -16.20 12.11
N MET A 318 12.12 -15.01 11.52
CA MET A 318 13.08 -14.74 10.46
C MET A 318 14.48 -14.80 11.16
N GLU A 319 15.49 -15.29 10.44
CA GLU A 319 16.83 -15.56 10.99
C GLU A 319 17.80 -14.35 11.11
N TYR A 320 18.55 -14.33 12.23
CA TYR A 320 19.60 -13.35 12.53
C TYR A 320 20.87 -14.23 12.68
N ASN A 321 21.83 -14.12 11.77
CA ASN A 321 23.02 -14.99 11.76
C ASN A 321 24.20 -14.27 11.10
N ILE A 322 24.95 -13.50 11.91
CA ILE A 322 26.09 -12.74 11.38
C ILE A 322 27.26 -13.68 10.96
N GLU A 323 27.31 -14.93 11.49
CA GLU A 323 28.31 -15.93 11.08
C GLU A 323 28.12 -16.28 9.59
N GLU A 324 26.89 -16.64 9.21
CA GLU A 324 26.55 -16.98 7.83
C GLU A 324 26.63 -15.75 6.94
N ALA A 325 26.28 -14.56 7.47
CA ALA A 325 26.39 -13.32 6.71
C ALA A 325 27.83 -13.03 6.32
N LYS A 326 28.80 -13.16 7.26
CA LYS A 326 30.23 -12.93 6.93
C LYS A 326 30.67 -13.94 5.86
N ARG A 327 30.28 -15.21 6.05
CA ARG A 327 30.59 -16.30 5.13
C ARG A 327 30.06 -16.02 3.72
N LEU A 328 28.80 -15.54 3.60
CA LEU A 328 28.22 -15.23 2.30
C LEU A 328 28.86 -13.99 1.65
N VAL A 329 29.34 -13.01 2.45
CA VAL A 329 29.98 -11.82 1.86
C VAL A 329 31.26 -12.24 1.13
N LYS A 330 32.05 -13.14 1.74
CA LYS A 330 33.31 -13.63 1.18
C LYS A 330 33.07 -14.45 -0.12
N GLU A 331 32.10 -15.39 -0.09
CA GLU A 331 31.75 -16.24 -1.23
C GLU A 331 31.39 -15.41 -2.47
N SER A 332 30.61 -14.34 -2.29
CA SER A 332 30.22 -13.46 -3.41
C SER A 332 31.40 -12.75 -4.09
N GLY A 333 32.58 -12.76 -3.46
CA GLY A 333 33.76 -12.06 -3.96
C GLY A 333 33.57 -10.57 -3.85
N TYR A 334 32.96 -10.12 -2.72
CA TYR A 334 32.65 -8.72 -2.50
C TYR A 334 33.94 -7.91 -2.36
N ASP A 335 34.30 -7.17 -3.44
CA ASP A 335 35.50 -6.33 -3.54
C ASP A 335 35.69 -5.37 -2.34
N GLY A 336 34.59 -4.94 -1.71
CA GLY A 336 34.62 -3.98 -0.61
C GLY A 336 34.20 -2.57 -1.02
N THR A 337 33.58 -2.44 -2.21
CA THR A 337 33.15 -1.17 -2.81
C THR A 337 31.88 -0.63 -2.08
N PRO A 338 31.69 0.69 -1.84
CA PRO A 338 30.43 1.13 -1.19
C PRO A 338 29.18 0.95 -2.05
N ILE A 339 28.11 0.38 -1.47
CA ILE A 339 26.82 0.16 -2.14
C ILE A 339 25.85 1.27 -1.67
N THR A 340 25.18 1.98 -2.59
CA THR A 340 24.23 3.04 -2.18
C THR A 340 22.91 2.44 -1.68
N TYR A 341 22.23 3.16 -0.77
CA TYR A 341 20.90 2.84 -0.22
C TYR A 341 20.11 4.14 -0.32
N HIS A 342 19.16 4.18 -1.25
CA HIS A 342 18.35 5.37 -1.45
C HIS A 342 17.14 5.39 -0.48
N THR A 343 16.88 6.58 0.09
CA THR A 343 15.75 6.84 1.00
C THR A 343 15.25 8.27 0.78
N MET A 344 13.93 8.45 0.67
CA MET A 344 13.34 9.76 0.43
C MET A 344 13.10 10.38 1.79
N GLY A 345 14.19 10.73 2.44
CA GLY A 345 14.15 11.23 3.81
C GLY A 345 13.47 10.26 4.75
N ASN A 346 12.55 10.76 5.56
CA ASN A 346 11.75 9.93 6.44
C ASN A 346 10.31 9.82 5.93
N TYR A 347 10.14 9.61 4.61
CA TYR A 347 8.81 9.25 4.00
C TYR A 347 8.26 8.04 4.76
N TYR A 348 9.14 7.07 5.08
CA TYR A 348 8.87 5.96 5.98
C TYR A 348 9.33 6.45 7.34
N ALA A 349 8.51 6.26 8.37
CA ALA A 349 8.87 6.69 9.74
C ALA A 349 10.10 5.94 10.18
N ASN A 350 11.06 6.67 10.71
CA ASN A 350 12.36 6.14 11.16
C ASN A 350 13.19 5.56 10.02
N ALA A 351 13.00 6.01 8.77
CA ALA A 351 13.78 5.49 7.63
C ALA A 351 15.28 5.78 7.81
N VAL A 352 15.64 6.99 8.20
CA VAL A 352 17.05 7.39 8.28
C VAL A 352 17.67 6.84 9.56
N PRO A 353 17.09 7.00 10.76
CA PRO A 353 17.73 6.40 11.94
C PRO A 353 17.83 4.88 11.82
N ALA A 354 16.87 4.18 11.13
CA ALA A 354 16.98 2.73 10.97
C ALA A 354 18.13 2.41 10.02
N LEU A 355 18.25 3.16 8.91
CA LEU A 355 19.31 2.98 7.94
C LEU A 355 20.69 3.16 8.60
N MET A 356 20.87 4.20 9.43
CA MET A 356 22.17 4.41 10.09
C MET A 356 22.53 3.25 11.04
N MET A 357 21.54 2.65 11.73
CA MET A 357 21.79 1.49 12.58
C MET A 357 22.21 0.29 11.69
N MET A 358 21.58 0.11 10.51
CA MET A 358 21.89 -1.01 9.62
C MET A 358 23.24 -0.83 8.91
N ILE A 359 23.66 0.42 8.66
CA ILE A 359 24.98 0.73 8.10
C ILE A 359 26.07 0.18 9.05
N GLU A 360 25.89 0.36 10.35
CA GLU A 360 26.82 -0.14 11.38
C GLU A 360 26.80 -1.67 11.43
N MET A 361 25.62 -2.27 11.31
CA MET A 361 25.46 -3.74 11.33
C MET A 361 26.10 -4.40 10.12
N TRP A 362 26.03 -3.74 8.96
CA TRP A 362 26.64 -4.21 7.73
C TRP A 362 28.17 -3.99 7.75
N LYS A 363 28.66 -2.96 8.47
CA LYS A 363 30.09 -2.74 8.63
C LYS A 363 30.68 -3.90 9.44
N GLN A 364 29.95 -4.38 10.47
CA GLN A 364 30.36 -5.50 11.33
C GLN A 364 30.42 -6.86 10.60
N ILE A 365 29.95 -6.94 9.34
CA ILE A 365 30.04 -8.15 8.50
C ILE A 365 30.86 -7.89 7.19
N GLY A 366 31.55 -6.76 7.09
CA GLY A 366 32.41 -6.44 5.96
C GLY A 366 31.83 -5.66 4.79
N VAL A 367 30.55 -5.23 4.86
CA VAL A 367 29.94 -4.49 3.75
C VAL A 367 29.86 -3.01 4.07
N THR A 368 30.16 -2.17 3.07
CA THR A 368 30.11 -0.73 3.20
C THR A 368 28.87 -0.23 2.46
N VAL A 369 27.87 0.25 3.20
CA VAL A 369 26.66 0.81 2.59
C VAL A 369 26.64 2.31 2.90
N VAL A 370 26.45 3.16 1.87
CA VAL A 370 26.43 4.61 2.01
C VAL A 370 24.98 5.13 1.89
N PRO A 371 24.52 6.11 2.72
CA PRO A 371 23.16 6.62 2.57
C PRO A 371 23.06 7.65 1.44
N LYS A 372 22.03 7.51 0.60
CA LYS A 372 21.73 8.46 -0.45
C LYS A 372 20.32 8.96 -0.11
N VAL A 373 20.26 10.05 0.66
CA VAL A 373 19.01 10.66 1.10
C VAL A 373 18.61 11.64 0.02
N TYR A 374 17.39 11.46 -0.55
CA TYR A 374 16.90 12.34 -1.60
C TYR A 374 15.58 13.02 -1.20
N ALA A 375 15.22 14.05 -1.95
CA ALA A 375 14.03 14.86 -1.72
C ALA A 375 12.87 14.34 -2.60
N PRO A 376 11.59 14.60 -2.24
CA PRO A 376 10.49 14.18 -3.14
C PRO A 376 10.66 14.64 -4.57
N GLY A 377 10.52 13.72 -5.52
CA GLY A 377 10.70 14.00 -6.94
C GLY A 377 12.12 13.80 -7.44
N GLY A 378 13.09 13.75 -6.55
CA GLY A 378 14.48 13.56 -6.93
C GLY A 378 14.93 12.12 -6.86
N ALA A 379 14.04 11.16 -7.17
CA ALA A 379 14.39 9.75 -7.09
C ALA A 379 15.45 9.40 -8.13
N PRO A 380 16.34 8.42 -7.85
CA PRO A 380 17.35 8.07 -8.88
C PRO A 380 16.73 7.28 -10.02
N LYS A 381 17.43 7.26 -11.16
CA LYS A 381 17.02 6.43 -12.29
C LYS A 381 17.30 4.97 -11.85
N ASP A 382 16.55 3.98 -12.36
CA ASP A 382 16.75 2.58 -11.94
C ASP A 382 18.24 2.12 -12.05
N GLN A 383 18.91 2.47 -13.14
CA GLN A 383 20.32 2.13 -13.34
C GLN A 383 21.26 2.68 -12.26
N ASP A 384 20.85 3.73 -11.53
CA ASP A 384 21.60 4.33 -10.43
C ASP A 384 21.15 3.81 -9.03
N SER A 385 20.11 2.95 -8.97
CA SER A 385 19.60 2.38 -7.71
C SER A 385 20.17 0.98 -7.47
N TYR A 386 20.59 0.70 -6.23
CA TYR A 386 21.19 -0.56 -5.80
C TYR A 386 20.34 -1.05 -4.60
N MET A 387 20.51 -0.48 -3.39
CA MET A 387 19.61 -0.78 -2.27
C MET A 387 18.63 0.37 -2.13
N ARG A 388 17.42 0.06 -1.65
CA ARG A 388 16.40 1.08 -1.39
C ARG A 388 15.43 0.55 -0.34
N ASN A 389 14.73 1.47 0.32
CA ASN A 389 13.71 1.08 1.28
C ASN A 389 12.35 1.10 0.55
N TRP A 390 11.42 0.33 1.10
CA TRP A 390 10.06 0.23 0.55
C TRP A 390 9.14 -0.28 1.70
N SER A 391 7.85 -0.40 1.36
CA SER A 391 6.85 -1.00 2.25
C SER A 391 5.83 -1.74 1.43
N ASN A 392 5.10 -2.64 2.08
CA ASN A 392 3.98 -3.28 1.43
C ASN A 392 2.80 -3.32 2.40
N GLY A 393 1.69 -2.72 1.98
CA GLY A 393 0.43 -2.85 2.68
C GLY A 393 -0.27 -4.16 2.33
N GLN A 394 -0.71 -4.90 3.32
CA GLN A 394 -1.35 -6.21 3.20
C GLN A 394 -2.86 -5.98 3.02
N TRP A 395 -3.23 -5.75 1.75
CA TRP A 395 -4.52 -5.24 1.34
C TRP A 395 -5.58 -6.29 1.04
N MET A 396 -5.33 -7.57 1.27
CA MET A 396 -6.36 -8.61 1.11
C MET A 396 -6.38 -9.55 2.32
N THR A 397 -7.50 -10.26 2.53
CA THR A 397 -7.61 -11.25 3.61
C THR A 397 -7.22 -12.61 3.08
N ASP A 398 -6.07 -12.66 2.39
CA ASP A 398 -5.57 -13.84 1.71
C ASP A 398 -4.10 -13.56 1.36
N ALA A 399 -3.23 -14.55 1.59
CA ALA A 399 -1.80 -14.39 1.35
C ALA A 399 -1.42 -14.12 -0.07
N TRP A 400 -2.37 -14.19 -1.04
CA TRP A 400 -2.10 -13.75 -2.41
C TRP A 400 -1.48 -12.34 -2.44
N ALA A 401 -1.99 -11.44 -1.56
CA ALA A 401 -1.39 -10.11 -1.44
C ALA A 401 -0.50 -10.13 -0.18
N THR A 402 0.76 -9.64 -0.22
CA THR A 402 1.46 -9.08 -1.38
C THR A 402 2.52 -10.06 -1.90
N MET A 403 2.66 -11.28 -1.37
CA MET A 403 3.68 -12.24 -1.89
C MET A 403 3.53 -12.44 -3.41
N ILE A 404 2.33 -12.78 -3.87
CA ILE A 404 2.11 -13.00 -5.30
C ILE A 404 2.03 -11.67 -6.05
N CYS A 405 1.20 -10.68 -5.61
CA CYS A 405 1.12 -9.34 -6.33
C CYS A 405 2.38 -8.74 -6.68
N GLU A 406 3.26 -8.64 -5.65
CA GLU A 406 4.46 -7.90 -5.77
C GLU A 406 5.63 -8.79 -6.18
N PHE A 407 5.75 -9.96 -5.57
CA PHE A 407 6.93 -10.83 -5.76
C PHE A 407 6.72 -11.99 -6.73
N GLY A 408 5.51 -12.18 -7.25
CA GLY A 408 5.22 -13.28 -8.17
C GLY A 408 5.69 -13.04 -9.59
N PRO A 409 5.52 -14.05 -10.48
CA PRO A 409 6.01 -13.90 -11.85
C PRO A 409 5.50 -12.69 -12.63
N LYS A 410 4.27 -12.20 -12.34
CA LYS A 410 3.71 -11.02 -13.03
C LYS A 410 4.09 -9.67 -12.38
N GLY A 411 4.70 -9.72 -11.18
CA GLY A 411 5.00 -8.52 -10.41
C GLY A 411 6.20 -7.71 -10.81
N GLN A 412 6.32 -6.54 -10.20
CA GLN A 412 7.41 -5.60 -10.49
C GLN A 412 8.78 -6.03 -9.92
N VAL A 413 8.81 -6.88 -8.89
CA VAL A 413 10.07 -7.25 -8.27
C VAL A 413 10.86 -8.15 -9.26
N GLN A 414 10.18 -9.06 -9.94
CA GLN A 414 10.83 -9.91 -10.95
C GLN A 414 10.95 -9.11 -12.27
N LYS A 415 9.85 -8.53 -12.76
CA LYS A 415 9.84 -7.83 -14.05
C LYS A 415 10.73 -6.57 -14.06
N ARG A 416 10.39 -5.53 -13.27
CA ARG A 416 11.17 -4.29 -13.28
C ARG A 416 12.50 -4.40 -12.53
N TRP A 417 12.52 -5.00 -11.35
CA TRP A 417 13.70 -5.01 -10.51
C TRP A 417 14.58 -6.27 -10.66
N GLY A 418 14.32 -7.10 -11.66
CA GLY A 418 15.16 -8.23 -12.02
C GLY A 418 15.34 -9.43 -11.12
N TRP A 419 14.41 -9.73 -10.17
CA TRP A 419 14.56 -10.93 -9.36
C TRP A 419 14.33 -12.14 -10.22
N LYS A 420 15.33 -13.03 -10.28
CA LYS A 420 15.24 -14.27 -11.02
C LYS A 420 14.86 -15.28 -9.98
N ALA A 421 13.55 -15.46 -9.77
CA ALA A 421 13.06 -16.36 -8.75
C ALA A 421 13.23 -17.84 -9.16
N PRO A 422 13.45 -18.76 -8.20
CA PRO A 422 13.48 -20.20 -8.58
C PRO A 422 12.20 -20.62 -9.28
N ALA A 423 12.29 -21.57 -10.23
CA ALA A 423 11.12 -22.05 -10.95
C ALA A 423 10.06 -22.59 -10.00
N GLU A 424 10.44 -23.28 -8.90
CA GLU A 424 9.50 -23.80 -7.92
C GLU A 424 8.66 -22.64 -7.34
N PHE A 425 9.27 -21.47 -7.11
CA PHE A 425 8.55 -20.32 -6.56
C PHE A 425 7.46 -19.85 -7.52
N ASN A 426 7.79 -19.64 -8.80
CA ASN A 426 6.82 -19.18 -9.78
C ASN A 426 5.73 -20.21 -10.08
N ASP A 427 6.07 -21.51 -10.04
CA ASP A 427 5.07 -22.56 -10.24
C ASP A 427 4.14 -22.65 -9.01
N LEU A 428 4.67 -22.44 -7.79
CA LEU A 428 3.84 -22.41 -6.58
C LEU A 428 2.90 -21.19 -6.61
N CYS A 429 3.36 -20.05 -7.12
CA CYS A 429 2.55 -18.85 -7.28
C CYS A 429 1.38 -19.14 -8.20
N THR A 430 1.67 -19.76 -9.36
CA THR A 430 0.64 -20.15 -10.31
C THR A 430 -0.35 -21.12 -9.64
N LYS A 431 0.15 -22.10 -8.87
CA LYS A 431 -0.67 -23.12 -8.20
C LYS A 431 -1.61 -22.53 -7.13
N VAL A 432 -1.08 -21.72 -6.20
CA VAL A 432 -1.91 -21.13 -5.13
C VAL A 432 -3.02 -20.25 -5.68
N SER A 433 -2.83 -19.68 -6.88
CA SER A 433 -3.84 -18.82 -7.48
C SER A 433 -4.95 -19.61 -8.21
N GLN A 434 -5.01 -20.95 -8.05
CA GLN A 434 -6.02 -21.78 -8.70
C GLN A 434 -6.56 -22.91 -7.83
N ILE A 435 -6.27 -22.91 -6.53
CA ILE A 435 -6.73 -23.92 -5.61
C ILE A 435 -7.41 -23.23 -4.40
N PRO A 436 -8.46 -23.83 -3.81
CA PRO A 436 -9.13 -23.18 -2.68
C PRO A 436 -8.35 -23.29 -1.37
N ASP A 437 -8.84 -22.63 -0.28
CA ASP A 437 -8.19 -22.76 1.02
C ASP A 437 -8.28 -24.21 1.49
N SER A 438 -7.17 -24.71 2.02
CA SER A 438 -7.02 -26.11 2.45
C SER A 438 -5.61 -26.30 3.07
N LYS A 439 -5.27 -27.53 3.48
CA LYS A 439 -3.92 -27.81 3.98
C LYS A 439 -2.89 -27.60 2.89
N GLU A 440 -3.20 -27.99 1.66
CA GLU A 440 -2.32 -27.84 0.51
C GLU A 440 -2.02 -26.38 0.27
N ARG A 441 -3.05 -25.51 0.32
CA ARG A 441 -2.85 -24.10 0.04
C ARG A 441 -2.01 -23.48 1.14
N PHE A 442 -2.33 -23.80 2.40
CA PHE A 442 -1.60 -23.35 3.59
C PHE A 442 -0.10 -23.75 3.48
N ASP A 443 0.18 -25.03 3.21
CA ASP A 443 1.56 -25.52 3.08
C ASP A 443 2.30 -24.88 1.93
N ALA A 444 1.61 -24.63 0.81
CA ALA A 444 2.21 -23.98 -0.33
C ALA A 444 2.68 -22.56 -0.03
N PHE A 445 1.90 -21.78 0.76
CA PHE A 445 2.34 -20.42 1.11
C PHE A 445 3.56 -20.48 2.03
N ASN A 446 3.64 -21.49 2.90
CA ASN A 446 4.81 -21.68 3.79
C ASN A 446 6.05 -22.04 2.97
N ARG A 447 5.87 -22.83 1.90
CA ARG A 447 6.95 -23.11 0.96
C ARG A 447 7.41 -21.81 0.26
N LEU A 448 6.47 -20.98 -0.20
CA LEU A 448 6.81 -19.69 -0.79
C LEU A 448 7.56 -18.76 0.21
N ARG A 449 7.16 -18.77 1.48
CA ARG A 449 7.80 -17.94 2.50
C ARG A 449 9.26 -18.39 2.71
N ASP A 450 9.46 -19.73 2.73
CA ASP A 450 10.78 -20.34 2.88
C ASP A 450 11.67 -19.93 1.73
N ILE A 451 11.15 -19.95 0.50
CA ILE A 451 11.94 -19.55 -0.67
C ILE A 451 12.25 -18.08 -0.59
N PHE A 452 11.26 -17.23 -0.21
CA PHE A 452 11.48 -15.80 -0.06
C PHE A 452 12.68 -15.48 0.89
N GLU A 453 12.78 -16.20 2.00
CA GLU A 453 13.86 -15.96 2.97
C GLU A 453 15.21 -16.51 2.48
N GLU A 454 15.19 -17.59 1.68
CA GLU A 454 16.42 -18.12 1.09
C GLU A 454 16.96 -17.13 0.05
N GLU A 455 16.08 -16.57 -0.80
CA GLU A 455 16.45 -15.71 -1.93
C GLU A 455 16.71 -14.23 -1.66
N ALA A 456 16.11 -13.73 -0.56
CA ALA A 456 16.17 -12.32 -0.14
C ALA A 456 15.97 -11.30 -1.26
N PRO A 457 14.85 -11.38 -2.06
CA PRO A 457 14.58 -10.29 -3.02
C PRO A 457 14.24 -8.98 -2.28
N ALA A 458 13.79 -9.14 -1.04
CA ALA A 458 13.56 -8.08 -0.08
C ALA A 458 13.78 -8.62 1.33
N VAL A 459 13.97 -7.73 2.30
CA VAL A 459 14.16 -8.08 3.68
C VAL A 459 13.11 -7.35 4.51
N ILE A 460 12.27 -8.11 5.21
CA ILE A 460 11.19 -7.57 6.05
C ILE A 460 11.82 -7.06 7.34
N LEU A 461 11.59 -5.79 7.70
CA LEU A 461 12.09 -5.24 8.97
C LEU A 461 11.07 -5.43 10.10
N TYR A 462 9.87 -4.82 9.97
CA TYR A 462 8.85 -4.85 11.02
C TYR A 462 7.54 -4.19 10.47
N GLN A 463 6.48 -4.35 11.21
CA GLN A 463 5.25 -3.61 10.97
C GLN A 463 5.40 -2.35 11.84
N PRO A 464 5.36 -1.14 11.27
CA PRO A 464 5.49 0.05 12.11
C PRO A 464 4.32 0.26 13.07
N PHE A 465 4.57 0.93 14.19
CA PHE A 465 3.51 1.35 15.11
C PHE A 465 3.23 2.73 14.56
N ASP A 466 2.16 2.84 13.74
CA ASP A 466 1.83 4.09 13.06
C ASP A 466 1.18 5.02 14.05
N VAL A 467 1.69 6.24 14.16
CA VAL A 467 1.16 7.27 15.05
C VAL A 467 0.78 8.48 14.24
N TYR A 468 -0.43 9.00 14.48
CA TYR A 468 -0.85 10.30 13.95
C TYR A 468 -1.26 11.15 15.15
N ALA A 469 -1.45 12.42 14.92
CA ALA A 469 -1.87 13.32 15.98
C ALA A 469 -2.77 14.38 15.47
N ALA A 470 -3.62 14.92 16.34
CA ALA A 470 -4.57 15.94 15.93
C ALA A 470 -5.06 16.75 17.11
N ARG A 471 -5.66 17.88 16.84
CA ARG A 471 -6.46 18.60 17.84
C ARG A 471 -7.57 17.69 18.32
N LYS A 472 -7.84 17.71 19.62
CA LYS A 472 -8.97 16.97 20.16
C LYS A 472 -10.28 17.48 19.59
N ASP A 473 -10.41 18.77 19.31
CA ASP A 473 -11.66 19.30 18.78
C ASP A 473 -11.87 19.06 17.27
N VAL A 474 -10.96 18.31 16.66
CA VAL A 474 -11.06 17.88 15.25
C VAL A 474 -11.46 16.41 15.38
N HIS A 475 -12.75 16.09 15.17
CA HIS A 475 -13.32 14.79 15.45
C HIS A 475 -13.38 13.88 14.22
N TRP A 476 -12.92 14.33 13.07
CA TRP A 476 -12.91 13.51 11.86
C TRP A 476 -11.58 13.78 11.19
N ARG A 477 -10.84 12.72 10.86
CA ARG A 477 -9.46 12.80 10.41
C ARG A 477 -9.21 11.96 9.18
N PRO A 478 -9.24 12.57 8.00
CA PRO A 478 -9.15 11.79 6.75
C PRO A 478 -7.70 11.48 6.39
N ILE A 479 -7.09 10.58 7.14
CA ILE A 479 -5.67 10.29 6.96
C ILE A 479 -5.36 8.80 6.64
N SER A 480 -6.40 7.98 6.40
CA SER A 480 -6.26 6.58 5.98
C SER A 480 -7.06 6.37 4.70
#